data_6D9S
#
_entry.id   6D9S
#
_cell.length_a   82.611
_cell.length_b   82.611
_cell.length_c   174.916
_cell.angle_alpha   90.00
_cell.angle_beta   90.00
_cell.angle_gamma   120.00
#
_symmetry.space_group_name_H-M   'P 31 2 1'
#
loop_
_entity.id
_entity.type
_entity.pdbx_description
1 polymer 'Hypoxanthine phosphoribosyltransferase'
2 non-polymer "GUANOSINE-5',3'-TETRAPHOSPHATE"
3 non-polymer 'MAGNESIUM ION'
4 non-polymer DI(HYDROXYETHYL)ETHER
5 water water
#
_entity_poly.entity_id   1
_entity_poly.type   'polypeptide(L)'
_entity_poly.pdbx_seq_one_letter_code
;SNAMMNQDIEKVLISEEQIQEKVLELGAIIAEDYKNTVPLAIGVLKGAMPFMADLLKRTDTYLEMDFMAVSSYGHSTVST
GEVKILKDLDTSVEGRDILIVEDIIDSGLTLSYLVDLFKYRKAKSVKIVTLLDKPTGRKVDLKADYVGFTVPHEFVVGYG
LDYKEQYRNLPYVGVLKPSVYSN
;
_entity_poly.pdbx_strand_id   A,B
#
# COMPACT_ATOMS: atom_id res chain seq x y z
N ALA A 3 22.64 6.77 -34.13
CA ALA A 3 21.81 5.81 -34.89
C ALA A 3 21.60 4.53 -34.08
N MET A 4 22.53 4.24 -33.18
CA MET A 4 22.48 3.00 -32.41
C MET A 4 22.95 3.26 -30.98
N MET A 5 22.41 2.47 -30.05
CA MET A 5 22.70 2.69 -28.64
C MET A 5 24.16 2.37 -28.30
N ASN A 6 24.72 1.35 -28.94
CA ASN A 6 26.08 0.93 -28.61
C ASN A 6 27.08 2.07 -28.76
N GLN A 7 26.79 3.03 -29.63
CA GLN A 7 27.67 4.18 -29.80
C GLN A 7 27.63 5.12 -28.59
N ASP A 8 26.56 5.08 -27.81
CA ASP A 8 26.46 5.89 -26.61
C ASP A 8 27.17 5.26 -25.41
N ILE A 9 27.54 3.99 -25.50
CA ILE A 9 28.14 3.26 -24.38
C ILE A 9 29.64 3.43 -24.44
N GLU A 10 30.22 3.91 -23.34
CA GLU A 10 31.68 4.05 -23.27
C GLU A 10 32.35 2.71 -23.05
N LYS A 11 31.86 1.92 -22.11
CA LYS A 11 32.45 0.62 -21.83
C LYS A 11 31.37 -0.34 -21.35
N VAL A 12 31.60 -1.62 -21.61
CA VAL A 12 30.72 -2.68 -21.12
C VAL A 12 31.28 -3.16 -19.78
N LEU A 13 30.46 -3.08 -18.73
CA LEU A 13 30.89 -3.49 -17.41
C LEU A 13 30.64 -4.98 -17.17
N ILE A 14 29.47 -5.48 -17.57
CA ILE A 14 29.13 -6.89 -17.41
C ILE A 14 28.42 -7.31 -18.69
N SER A 15 29.04 -8.20 -19.45
CA SER A 15 28.50 -8.62 -20.73
C SER A 15 27.29 -9.51 -20.54
N GLU A 16 26.54 -9.71 -21.64
CA GLU A 16 25.40 -10.61 -21.60
C GLU A 16 25.82 -12.02 -21.20
N GLU A 17 26.96 -12.49 -21.73
CA GLU A 17 27.43 -13.83 -21.40
C GLU A 17 27.66 -13.98 -19.90
N GLN A 18 28.30 -12.99 -19.27
CA GLN A 18 28.54 -13.06 -17.84
C GLN A 18 27.24 -13.04 -17.05
N ILE A 19 26.28 -12.21 -17.46
CA ILE A 19 25.01 -12.11 -16.74
C ILE A 19 24.29 -13.45 -16.72
N GLN A 20 24.23 -14.11 -17.88
CA GLN A 20 23.49 -15.38 -17.95
C GLN A 20 24.19 -16.49 -17.19
N GLU A 21 25.52 -16.44 -17.09
CA GLU A 21 26.25 -17.40 -16.27
C GLU A 21 25.86 -17.27 -14.80
N LYS A 22 25.88 -16.05 -14.27
CA LYS A 22 25.54 -15.85 -12.86
C LYS A 22 24.06 -16.12 -12.63
N VAL A 23 23.20 -15.73 -13.57
CA VAL A 23 21.77 -16.00 -13.44
C VAL A 23 21.52 -17.50 -13.37
N LEU A 24 22.17 -18.27 -14.23
CA LEU A 24 22.10 -19.73 -14.13
C LEU A 24 22.51 -20.20 -12.74
N GLU A 25 23.57 -19.61 -12.19
CA GLU A 25 24.03 -19.98 -10.86
C GLU A 25 22.99 -19.61 -9.81
N LEU A 26 22.55 -18.36 -9.79
CA LEU A 26 21.56 -17.92 -8.81
C LEU A 26 20.29 -18.76 -8.89
N GLY A 27 19.80 -19.03 -10.10
CA GLY A 27 18.58 -19.79 -10.24
C GLY A 27 18.65 -21.15 -9.57
N ALA A 28 19.77 -21.86 -9.75
CA ALA A 28 19.92 -23.17 -9.14
C ALA A 28 19.96 -23.07 -7.62
N ILE A 29 20.67 -22.07 -7.08
CA ILE A 29 20.72 -21.88 -5.64
C ILE A 29 19.33 -21.63 -5.09
N ILE A 30 18.62 -20.68 -5.69
CA ILE A 30 17.28 -20.33 -5.21
C ILE A 30 16.34 -21.50 -5.33
N ALA A 31 16.44 -22.26 -6.43
CA ALA A 31 15.58 -23.43 -6.59
C ALA A 31 15.79 -24.42 -5.44
N GLU A 32 17.02 -24.56 -4.96
CA GLU A 32 17.28 -25.45 -3.84
C GLU A 32 16.74 -24.86 -2.54
N ASP A 33 16.96 -23.57 -2.30
CA ASP A 33 16.52 -22.94 -1.06
C ASP A 33 15.01 -22.88 -0.94
N TYR A 34 14.27 -22.94 -2.04
CA TYR A 34 12.81 -22.81 -2.02
C TYR A 34 12.12 -24.07 -2.54
N LYS A 35 12.75 -25.24 -2.36
CA LYS A 35 12.18 -26.47 -2.88
C LYS A 35 10.99 -26.97 -2.06
N ASN A 36 10.91 -26.59 -0.79
CA ASN A 36 9.84 -27.06 0.09
C ASN A 36 8.79 -25.97 0.36
N THR A 37 8.71 -24.96 -0.50
CA THR A 37 7.69 -23.93 -0.36
C THR A 37 7.35 -23.41 -1.75
N VAL A 38 6.17 -22.81 -1.86
CA VAL A 38 5.77 -22.10 -3.08
C VAL A 38 5.93 -20.61 -2.78
N PRO A 39 7.09 -20.03 -3.04
CA PRO A 39 7.29 -18.62 -2.68
C PRO A 39 6.57 -17.70 -3.65
N LEU A 40 6.41 -16.46 -3.21
CA LEU A 40 5.91 -15.37 -4.04
C LEU A 40 7.12 -14.56 -4.47
N ALA A 41 7.45 -14.60 -5.76
CA ALA A 41 8.57 -13.85 -6.29
C ALA A 41 8.05 -12.51 -6.81
N ILE A 42 8.56 -11.42 -6.25
CA ILE A 42 8.03 -10.09 -6.51
C ILE A 42 9.10 -9.26 -7.20
N GLY A 43 8.74 -8.63 -8.31
CA GLY A 43 9.60 -7.68 -8.99
C GLY A 43 9.05 -6.28 -8.80
N VAL A 44 9.95 -5.32 -8.66
CA VAL A 44 9.57 -3.91 -8.55
C VAL A 44 9.79 -3.26 -9.92
N LEU A 45 8.72 -2.77 -10.52
CA LEU A 45 8.82 -2.14 -11.83
C LEU A 45 9.58 -0.83 -11.75
N LYS A 46 10.25 -0.44 -12.83
CA LYS A 46 10.30 -1.18 -14.10
C LYS A 46 11.59 -2.01 -14.25
N GLY A 47 12.61 -1.62 -13.49
CA GLY A 47 13.96 -2.06 -13.79
C GLY A 47 14.23 -3.53 -13.57
N ALA A 48 13.50 -4.16 -12.66
CA ALA A 48 13.78 -5.55 -12.32
C ALA A 48 13.24 -6.55 -13.34
N MET A 49 12.51 -6.08 -14.37
N MET A 49 12.51 -6.09 -14.36
CA MET A 49 11.80 -7.01 -15.24
CA MET A 49 11.81 -7.04 -15.22
C MET A 49 12.75 -7.90 -16.03
C MET A 49 12.76 -7.91 -16.02
N PRO A 50 13.78 -7.39 -16.71
CA PRO A 50 14.67 -8.30 -17.47
C PRO A 50 15.35 -9.35 -16.60
N PHE A 51 15.89 -8.93 -15.45
CA PHE A 51 16.57 -9.88 -14.57
C PHE A 51 15.60 -10.91 -14.02
N MET A 52 14.44 -10.46 -13.55
CA MET A 52 13.46 -11.39 -13.01
C MET A 52 13.07 -12.43 -14.04
N ALA A 53 12.92 -12.02 -15.31
CA ALA A 53 12.56 -12.96 -16.36
C ALA A 53 13.61 -14.06 -16.51
N ASP A 54 14.88 -13.67 -16.63
CA ASP A 54 15.93 -14.66 -16.88
C ASP A 54 16.20 -15.49 -15.64
N LEU A 55 16.02 -14.92 -14.45
CA LEU A 55 16.33 -15.64 -13.22
C LEU A 55 15.34 -16.77 -12.99
N LEU A 56 14.04 -16.49 -13.09
CA LEU A 56 13.05 -17.52 -12.84
C LEU A 56 13.02 -18.56 -13.95
N LYS A 57 13.44 -18.19 -15.16
CA LYS A 57 13.66 -19.18 -16.20
C LYS A 57 14.68 -20.22 -15.77
N ARG A 58 15.61 -19.85 -14.87
CA ARG A 58 16.64 -20.75 -14.38
C ARG A 58 16.31 -21.33 -13.02
N THR A 59 15.15 -21.03 -12.46
CA THR A 59 14.76 -21.45 -11.12
C THR A 59 13.73 -22.56 -11.26
N ASP A 60 14.22 -23.80 -11.25
CA ASP A 60 13.36 -24.98 -11.46
C ASP A 60 12.72 -25.40 -10.14
N THR A 61 11.73 -24.62 -9.73
CA THR A 61 10.93 -24.94 -8.56
C THR A 61 9.58 -24.26 -8.73
N TYR A 62 8.59 -24.76 -8.00
CA TYR A 62 7.26 -24.16 -8.05
C TYR A 62 7.28 -22.80 -7.37
N LEU A 63 6.70 -21.80 -8.04
CA LEU A 63 6.68 -20.44 -7.51
C LEU A 63 5.59 -19.66 -8.22
N GLU A 64 5.12 -18.62 -7.55
CA GLU A 64 4.20 -17.66 -8.14
C GLU A 64 4.93 -16.35 -8.40
N MET A 65 4.48 -15.61 -9.40
CA MET A 65 5.03 -14.30 -9.71
C MET A 65 4.03 -13.21 -9.35
N ASP A 66 4.55 -12.04 -8.98
CA ASP A 66 3.73 -10.85 -8.79
C ASP A 66 4.63 -9.64 -8.96
N PHE A 67 4.02 -8.46 -8.94
CA PHE A 67 4.75 -7.23 -9.21
C PHE A 67 4.14 -6.11 -8.39
N MET A 68 4.96 -5.09 -8.14
CA MET A 68 4.49 -3.87 -7.50
C MET A 68 5.01 -2.67 -8.27
N ALA A 69 4.24 -1.60 -8.23
CA ALA A 69 4.65 -0.30 -8.75
C ALA A 69 4.50 0.73 -7.64
N VAL A 70 5.47 1.64 -7.56
CA VAL A 70 5.45 2.70 -6.57
C VAL A 70 5.96 3.98 -7.21
N SER A 71 5.77 5.10 -6.51
CA SER A 71 6.34 6.38 -6.89
C SER A 71 6.67 7.14 -5.61
N SER A 72 7.52 8.15 -5.75
CA SER A 72 7.99 8.89 -4.59
C SER A 72 7.00 10.00 -4.23
N TYR A 73 7.02 10.38 -2.96
CA TYR A 73 6.22 11.49 -2.47
C TYR A 73 6.96 12.83 -2.56
N GLY A 74 8.02 12.90 -3.37
CA GLY A 74 8.83 14.09 -3.46
C GLY A 74 10.09 13.97 -2.59
N HIS A 75 10.31 14.96 -1.72
CA HIS A 75 11.44 14.94 -0.82
C HIS A 75 11.25 13.95 0.34
N SER A 76 10.03 13.46 0.55
CA SER A 76 9.79 12.55 1.66
C SER A 76 10.43 11.19 1.41
N THR A 77 10.36 10.70 0.17
CA THR A 77 10.95 9.40 -0.15
C THR A 77 12.45 9.39 0.10
N VAL A 78 13.12 10.51 -0.17
CA VAL A 78 14.57 10.59 -0.05
C VAL A 78 15.05 10.39 1.38
N SER A 79 14.16 10.46 2.37
CA SER A 79 14.55 10.42 3.77
C SER A 79 14.35 9.04 4.38
N THR A 80 13.13 8.50 4.32
CA THR A 80 12.84 7.18 4.87
C THR A 80 12.49 6.15 3.81
N GLY A 81 12.43 6.55 2.54
CA GLY A 81 12.07 5.62 1.48
C GLY A 81 10.59 5.33 1.36
N GLU A 82 9.76 5.93 2.20
CA GLU A 82 8.31 5.78 2.06
C GLU A 82 7.88 6.18 0.66
N VAL A 83 7.11 5.32 0.01
CA VAL A 83 6.66 5.54 -1.35
C VAL A 83 5.17 5.26 -1.47
N LYS A 84 4.55 5.91 -2.44
CA LYS A 84 3.15 5.69 -2.77
C LYS A 84 3.02 4.37 -3.52
N ILE A 85 2.11 3.51 -3.09
CA ILE A 85 1.83 2.26 -3.79
C ILE A 85 0.85 2.55 -4.92
N LEU A 86 1.29 2.31 -6.16
CA LEU A 86 0.42 2.46 -7.31
C LEU A 86 -0.22 1.14 -7.71
N LYS A 87 0.44 0.03 -7.47
CA LYS A 87 -0.08 -1.29 -7.77
C LYS A 87 0.41 -2.22 -6.67
N ASP A 88 -0.50 -2.64 -5.80
CA ASP A 88 -0.18 -3.58 -4.73
C ASP A 88 -0.13 -5.00 -5.32
N LEU A 89 0.20 -5.96 -4.47
CA LEU A 89 0.24 -7.34 -4.90
C LEU A 89 -1.17 -7.83 -5.23
N ASP A 90 -1.25 -8.86 -6.07
CA ASP A 90 -2.51 -9.49 -6.42
C ASP A 90 -2.92 -10.55 -5.42
N THR A 91 -2.04 -10.93 -4.49
CA THR A 91 -2.35 -11.91 -3.46
C THR A 91 -1.83 -11.40 -2.13
N SER A 92 -2.37 -11.96 -1.06
CA SER A 92 -1.96 -11.56 0.28
C SER A 92 -0.51 -11.96 0.55
N VAL A 93 0.12 -11.26 1.49
CA VAL A 93 1.48 -11.55 1.91
C VAL A 93 1.54 -12.47 3.12
N GLU A 94 0.48 -12.51 3.92
CA GLU A 94 0.52 -13.26 5.18
C GLU A 94 0.87 -14.72 4.95
N GLY A 95 1.79 -15.23 5.76
CA GLY A 95 2.19 -16.63 5.70
C GLY A 95 2.95 -17.04 4.46
N ARG A 96 3.26 -16.12 3.56
CA ARG A 96 3.97 -16.45 2.33
C ARG A 96 5.47 -16.18 2.51
N ASP A 97 6.27 -16.96 1.79
CA ASP A 97 7.71 -16.71 1.68
C ASP A 97 7.92 -15.76 0.50
N ILE A 98 8.38 -14.55 0.79
CA ILE A 98 8.50 -13.48 -0.20
C ILE A 98 9.94 -13.43 -0.69
N LEU A 99 10.12 -13.42 -2.01
CA LEU A 99 11.44 -13.24 -2.61
C LEU A 99 11.35 -12.00 -3.51
N ILE A 100 12.02 -10.93 -3.12
CA ILE A 100 12.02 -9.69 -3.88
C ILE A 100 13.15 -9.74 -4.90
N VAL A 101 12.81 -9.53 -6.17
CA VAL A 101 13.77 -9.58 -7.27
C VAL A 101 14.03 -8.15 -7.72
N GLU A 102 15.29 -7.72 -7.61
CA GLU A 102 15.68 -6.36 -7.92
C GLU A 102 16.76 -6.37 -8.98
N ASP A 103 16.80 -5.29 -9.76
CA ASP A 103 17.90 -5.09 -10.71
C ASP A 103 19.15 -4.55 -10.01
N ILE A 104 18.98 -3.60 -9.10
CA ILE A 104 20.12 -3.00 -8.40
C ILE A 104 19.65 -2.44 -7.06
N ILE A 105 20.55 -2.46 -6.09
CA ILE A 105 20.30 -1.87 -4.77
C ILE A 105 21.38 -0.83 -4.55
N ASP A 106 20.98 0.43 -4.51
CA ASP A 106 21.92 1.54 -4.35
C ASP A 106 21.76 2.16 -2.97
N SER A 107 20.79 3.06 -2.82
CA SER A 107 20.55 3.65 -1.51
C SER A 107 19.85 2.65 -0.58
N GLY A 108 19.00 1.80 -1.15
CA GLY A 108 18.23 0.86 -0.36
C GLY A 108 17.04 1.44 0.37
N LEU A 109 16.82 2.76 0.28
CA LEU A 109 15.72 3.39 1.00
C LEU A 109 14.39 2.75 0.62
N THR A 110 14.02 2.82 -0.65
CA THR A 110 12.73 2.30 -1.09
C THR A 110 12.60 0.82 -0.76
N LEU A 111 13.65 0.05 -1.06
CA LEU A 111 13.57 -1.41 -0.91
C LEU A 111 13.39 -1.80 0.56
N SER A 112 14.10 -1.16 1.47
CA SER A 112 13.95 -1.47 2.89
C SER A 112 12.52 -1.17 3.35
N TYR A 113 11.93 -0.10 2.81
CA TYR A 113 10.54 0.22 3.15
C TYR A 113 9.60 -0.91 2.73
N LEU A 114 9.79 -1.46 1.52
CA LEU A 114 8.94 -2.56 1.07
C LEU A 114 9.22 -3.83 1.87
N VAL A 115 10.49 -4.08 2.20
CA VAL A 115 10.86 -5.25 3.01
C VAL A 115 10.05 -5.28 4.31
N ASP A 116 10.14 -4.19 5.09
CA ASP A 116 9.44 -4.14 6.36
C ASP A 116 7.93 -3.96 6.18
N LEU A 117 7.49 -3.45 5.02
CA LEU A 117 6.06 -3.48 4.73
C LEU A 117 5.57 -4.92 4.68
N PHE A 118 6.28 -5.78 3.94
CA PHE A 118 5.89 -7.18 3.85
C PHE A 118 6.01 -7.88 5.20
N LYS A 119 7.01 -7.50 6.01
CA LYS A 119 7.09 -8.04 7.35
C LYS A 119 5.91 -7.55 8.20
N TYR A 120 5.47 -6.30 7.99
CA TYR A 120 4.28 -5.84 8.68
C TYR A 120 3.06 -6.65 8.25
N ARG A 121 2.99 -7.02 6.97
CA ARG A 121 1.89 -7.81 6.45
C ARG A 121 2.01 -9.30 6.82
N LYS A 122 2.93 -9.65 7.72
CA LYS A 122 3.00 -11.00 8.31
C LYS A 122 3.56 -12.02 7.32
N ALA A 123 4.55 -11.62 6.54
CA ALA A 123 5.23 -12.58 5.67
C ALA A 123 5.89 -13.66 6.53
N LYS A 124 5.89 -14.90 6.02
CA LYS A 124 6.61 -15.97 6.69
C LYS A 124 8.12 -15.74 6.61
N SER A 125 8.60 -15.18 5.50
CA SER A 125 9.98 -14.82 5.33
C SER A 125 10.06 -13.79 4.21
N VAL A 126 11.10 -12.96 4.25
CA VAL A 126 11.33 -11.94 3.22
C VAL A 126 12.82 -11.97 2.88
N LYS A 127 13.14 -12.37 1.66
CA LYS A 127 14.52 -12.42 1.18
C LYS A 127 14.64 -11.58 -0.09
N ILE A 128 15.87 -11.17 -0.39
CA ILE A 128 16.14 -10.30 -1.53
C ILE A 128 17.21 -10.93 -2.41
N VAL A 129 16.94 -10.96 -3.71
CA VAL A 129 17.93 -11.32 -4.71
C VAL A 129 18.04 -10.14 -5.67
N THR A 130 19.25 -9.60 -5.82
CA THR A 130 19.51 -8.51 -6.75
C THR A 130 20.61 -8.94 -7.72
N LEU A 131 20.49 -8.50 -8.97
CA LEU A 131 21.53 -8.79 -9.96
C LEU A 131 22.80 -8.00 -9.64
N LEU A 132 22.65 -6.72 -9.34
CA LEU A 132 23.76 -5.84 -9.03
C LEU A 132 23.59 -5.27 -7.62
N ASP A 133 24.70 -5.19 -6.89
CA ASP A 133 24.74 -4.57 -5.57
C ASP A 133 25.75 -3.43 -5.59
N LYS A 134 25.29 -2.24 -5.21
CA LYS A 134 26.13 -1.04 -5.11
C LYS A 134 26.17 -0.59 -3.66
N PRO A 135 26.73 -1.40 -2.77
CA PRO A 135 26.65 -1.09 -1.33
C PRO A 135 27.31 0.21 -0.94
N THR A 136 28.20 0.76 -1.77
CA THR A 136 28.82 2.03 -1.43
C THR A 136 27.83 3.19 -1.44
N GLY A 137 26.63 3.00 -1.99
CA GLY A 137 25.64 4.05 -2.02
C GLY A 137 24.58 3.95 -0.94
N ARG A 138 24.69 2.97 -0.04
CA ARG A 138 23.64 2.73 0.95
C ARG A 138 23.37 3.98 1.78
N LYS A 139 22.08 4.31 1.93
CA LYS A 139 21.63 5.28 2.90
C LYS A 139 20.89 4.60 4.05
N VAL A 140 20.90 3.27 4.09
CA VAL A 140 20.30 2.50 5.17
C VAL A 140 20.98 1.14 5.18
N ASP A 141 20.95 0.47 6.33
CA ASP A 141 21.54 -0.86 6.46
C ASP A 141 20.56 -1.87 5.87
N LEU A 142 20.87 -2.34 4.66
CA LEU A 142 20.08 -3.35 3.98
C LEU A 142 21.04 -4.27 3.24
N LYS A 143 20.98 -5.56 3.55
CA LYS A 143 21.84 -6.56 2.92
C LYS A 143 20.98 -7.48 2.06
N ALA A 144 21.40 -7.68 0.82
CA ALA A 144 20.72 -8.64 -0.05
C ALA A 144 21.16 -10.04 0.32
N ASP A 145 20.22 -10.99 0.25
CA ASP A 145 20.52 -12.38 0.58
C ASP A 145 21.22 -13.08 -0.58
N TYR A 146 20.87 -12.72 -1.81
CA TYR A 146 21.49 -13.26 -3.02
C TYR A 146 21.91 -12.10 -3.90
N VAL A 147 23.17 -12.11 -4.34
CA VAL A 147 23.72 -11.04 -5.15
C VAL A 147 24.38 -11.65 -6.38
N GLY A 148 24.07 -11.11 -7.55
CA GLY A 148 24.77 -11.49 -8.75
C GLY A 148 26.17 -10.89 -8.79
N PHE A 149 26.25 -9.57 -8.94
CA PHE A 149 27.52 -8.86 -8.99
C PHE A 149 27.50 -7.70 -8.02
N THR A 150 28.65 -7.40 -7.42
CA THR A 150 28.86 -6.13 -6.73
C THR A 150 29.64 -5.22 -7.66
N VAL A 151 29.14 -4.00 -7.84
CA VAL A 151 29.68 -3.09 -8.84
C VAL A 151 30.13 -1.82 -8.13
N PRO A 152 31.08 -1.09 -8.71
CA PRO A 152 31.60 0.11 -8.06
C PRO A 152 30.56 1.22 -8.03
N HIS A 153 30.85 2.24 -7.21
CA HIS A 153 29.96 3.39 -7.09
C HIS A 153 29.96 4.19 -8.38
N GLU A 154 29.05 3.86 -9.29
CA GLU A 154 29.02 4.45 -10.62
C GLU A 154 27.62 4.26 -11.18
N PHE A 155 27.21 5.17 -12.06
CA PHE A 155 25.90 5.07 -12.69
C PHE A 155 26.01 4.25 -13.96
N VAL A 156 25.29 3.14 -14.01
CA VAL A 156 25.35 2.21 -15.14
C VAL A 156 24.01 2.25 -15.87
N VAL A 157 23.87 1.41 -16.90
CA VAL A 157 22.63 1.30 -17.66
C VAL A 157 22.58 -0.09 -18.27
N GLY A 158 21.42 -0.46 -18.78
CA GLY A 158 21.25 -1.69 -19.51
C GLY A 158 20.62 -2.78 -18.66
N TYR A 159 20.05 -3.76 -19.35
CA TYR A 159 19.43 -4.92 -18.73
C TYR A 159 18.46 -4.50 -17.63
N GLY A 160 17.57 -3.58 -17.98
CA GLY A 160 16.55 -3.06 -17.10
C GLY A 160 16.84 -1.66 -16.59
N LEU A 161 18.11 -1.28 -16.48
CA LEU A 161 18.50 0.00 -15.92
C LEU A 161 18.47 1.06 -17.00
N ASP A 162 17.82 2.19 -16.70
CA ASP A 162 17.53 3.22 -17.67
C ASP A 162 18.29 4.51 -17.35
N TYR A 163 18.51 5.30 -18.41
CA TYR A 163 18.75 6.73 -18.28
C TYR A 163 17.60 7.43 -19.00
N LYS A 164 16.81 8.18 -18.24
CA LYS A 164 15.64 8.89 -18.78
C LYS A 164 14.77 7.95 -19.62
N GLU A 165 14.51 6.77 -19.05
CA GLU A 165 13.59 5.75 -19.55
C GLU A 165 14.13 4.97 -20.75
N GLN A 166 15.36 5.22 -21.18
CA GLN A 166 15.94 4.51 -22.31
C GLN A 166 17.09 3.63 -21.84
N TYR A 167 17.50 2.73 -22.73
CA TYR A 167 18.60 1.80 -22.58
C TYR A 167 18.24 0.60 -21.69
N ARG A 168 16.99 0.48 -21.23
CA ARG A 168 16.62 -0.72 -20.48
C ARG A 168 16.80 -1.97 -21.31
N ASN A 169 16.58 -1.88 -22.62
CA ASN A 169 16.56 -3.04 -23.48
C ASN A 169 17.95 -3.50 -23.90
N LEU A 170 19.02 -2.95 -23.35
CA LEU A 170 20.34 -3.45 -23.66
C LEU A 170 20.53 -4.83 -23.00
N PRO A 171 21.08 -5.80 -23.71
CA PRO A 171 21.31 -7.13 -23.10
C PRO A 171 22.51 -7.17 -22.16
N TYR A 172 23.21 -6.06 -21.98
CA TYR A 172 24.38 -6.01 -21.10
C TYR A 172 24.26 -4.81 -20.17
N VAL A 173 25.21 -4.72 -19.24
CA VAL A 173 25.32 -3.59 -18.33
C VAL A 173 26.58 -2.81 -18.70
N GLY A 174 26.41 -1.53 -19.01
CA GLY A 174 27.51 -0.69 -19.43
C GLY A 174 27.43 0.67 -18.78
N VAL A 175 28.38 1.54 -19.16
CA VAL A 175 28.47 2.90 -18.66
C VAL A 175 28.38 3.85 -19.85
N LEU A 176 27.52 4.85 -19.73
CA LEU A 176 27.32 5.81 -20.82
C LEU A 176 28.53 6.72 -20.95
N LYS A 177 28.74 7.20 -22.17
CA LYS A 177 29.71 8.26 -22.40
C LYS A 177 29.21 9.55 -21.74
N PRO A 178 30.08 10.31 -21.08
CA PRO A 178 29.61 11.54 -20.42
C PRO A 178 28.92 12.51 -21.35
N SER A 179 29.22 12.48 -22.65
CA SER A 179 28.58 13.37 -23.61
C SER A 179 27.07 13.13 -23.70
N VAL A 180 26.57 12.00 -23.19
CA VAL A 180 25.15 11.70 -23.28
C VAL A 180 24.36 12.48 -22.24
N TYR A 181 24.92 12.65 -21.05
CA TYR A 181 24.20 13.32 -19.98
C TYR A 181 23.88 14.76 -20.37
N SER A 182 22.63 15.18 -20.12
CA SER A 182 22.17 16.51 -20.48
C SER A 182 21.39 17.14 -19.34
N ALA B 3 -42.22 3.42 -6.62
CA ALA B 3 -40.84 2.97 -6.26
C ALA B 3 -40.05 4.10 -5.62
N MET B 4 -40.07 4.17 -4.29
CA MET B 4 -39.35 5.18 -3.53
C MET B 4 -38.60 4.51 -2.39
N MET B 5 -37.39 5.02 -2.12
CA MET B 5 -36.53 4.39 -1.13
C MET B 5 -37.18 4.38 0.24
N ASN B 6 -37.87 5.46 0.62
CA ASN B 6 -38.49 5.53 1.93
C ASN B 6 -39.38 4.32 2.19
N GLN B 7 -40.04 3.81 1.16
CA GLN B 7 -40.94 2.68 1.30
C GLN B 7 -40.21 1.36 1.56
N ASP B 8 -38.88 1.35 1.46
CA ASP B 8 -38.10 0.16 1.74
C ASP B 8 -37.56 0.12 3.16
N ILE B 9 -37.76 1.18 3.94
CA ILE B 9 -37.20 1.30 5.28
C ILE B 9 -38.25 0.87 6.29
N GLU B 10 -37.92 -0.13 7.10
CA GLU B 10 -38.83 -0.55 8.16
C GLU B 10 -38.92 0.50 9.26
N LYS B 11 -37.78 1.04 9.68
CA LYS B 11 -37.74 2.00 10.76
C LYS B 11 -36.47 2.83 10.64
N VAL B 12 -36.51 4.01 11.22
CA VAL B 12 -35.38 4.93 11.19
C VAL B 12 -34.56 4.75 12.47
N LEU B 13 -33.24 4.74 12.33
CA LEU B 13 -32.35 4.67 13.47
C LEU B 13 -31.89 6.06 13.91
N ILE B 14 -31.39 6.85 12.96
CA ILE B 14 -30.93 8.21 13.22
C ILE B 14 -31.41 9.08 12.06
N SER B 15 -32.20 10.10 12.37
CA SER B 15 -32.67 11.04 11.36
C SER B 15 -31.55 11.99 10.96
N GLU B 16 -31.78 12.73 9.87
CA GLU B 16 -30.80 13.71 9.42
C GLU B 16 -30.55 14.77 10.49
N GLU B 17 -31.60 15.21 11.19
CA GLU B 17 -31.44 16.22 12.22
C GLU B 17 -30.44 15.76 13.29
N GLN B 18 -30.57 14.52 13.76
CA GLN B 18 -29.66 14.05 14.80
C GLN B 18 -28.26 13.82 14.27
N ILE B 19 -28.13 13.43 13.00
CA ILE B 19 -26.80 13.26 12.41
C ILE B 19 -26.08 14.61 12.39
N GLN B 20 -26.74 15.62 11.81
CA GLN B 20 -26.12 16.95 11.75
C GLN B 20 -25.84 17.50 13.14
N GLU B 21 -26.68 17.19 14.12
CA GLU B 21 -26.39 17.61 15.49
C GLU B 21 -25.10 16.96 16.00
N LYS B 22 -24.97 15.65 15.82
CA LYS B 22 -23.78 14.95 16.29
C LYS B 22 -22.55 15.38 15.48
N VAL B 23 -22.72 15.60 14.18
CA VAL B 23 -21.61 16.09 13.37
C VAL B 23 -21.12 17.44 13.89
N LEU B 24 -22.05 18.32 14.27
CA LEU B 24 -21.66 19.60 14.84
C LEU B 24 -20.90 19.43 16.15
N GLU B 25 -21.30 18.44 16.96
CA GLU B 25 -20.62 18.19 18.23
C GLU B 25 -19.21 17.64 18.00
N LEU B 26 -19.10 16.59 17.19
CA LEU B 26 -17.79 15.99 16.94
C LEU B 26 -16.84 16.96 16.23
N GLY B 27 -17.38 17.75 15.29
CA GLY B 27 -16.53 18.71 14.60
C GLY B 27 -15.87 19.70 15.54
N ALA B 28 -16.63 20.21 16.51
CA ALA B 28 -16.09 21.19 17.45
C ALA B 28 -15.08 20.55 18.39
N ILE B 29 -15.32 19.31 18.81
CA ILE B 29 -14.36 18.60 19.65
C ILE B 29 -13.07 18.37 18.89
N ILE B 30 -13.18 17.93 17.64
CA ILE B 30 -12.01 17.61 16.83
C ILE B 30 -11.21 18.87 16.53
N ALA B 31 -11.90 19.99 16.29
CA ALA B 31 -11.21 21.23 15.96
C ALA B 31 -10.34 21.69 17.12
N GLU B 32 -10.81 21.52 18.35
CA GLU B 32 -10.04 21.92 19.52
C GLU B 32 -8.87 20.96 19.76
N ASP B 33 -9.11 19.65 19.60
CA ASP B 33 -8.04 18.67 19.80
C ASP B 33 -6.92 18.84 18.77
N TYR B 34 -7.24 19.35 17.57
CA TYR B 34 -6.27 19.46 16.49
C TYR B 34 -5.94 20.91 16.17
N LYS B 35 -6.07 21.80 17.15
CA LYS B 35 -5.86 23.22 16.89
C LYS B 35 -4.40 23.57 16.67
N ASN B 36 -3.47 22.76 17.18
CA ASN B 36 -2.04 23.04 17.08
C ASN B 36 -1.34 22.14 16.08
N THR B 37 -2.06 21.67 15.07
CA THR B 37 -1.46 20.85 14.02
C THR B 37 -2.38 20.86 12.81
N VAL B 38 -1.78 20.62 11.65
CA VAL B 38 -2.54 20.44 10.41
C VAL B 38 -2.63 18.94 10.16
N PRO B 39 -3.68 18.27 10.62
CA PRO B 39 -3.76 16.83 10.46
C PRO B 39 -4.12 16.45 9.02
N LEU B 40 -3.90 15.19 8.71
CA LEU B 40 -4.32 14.60 7.45
C LEU B 40 -5.54 13.74 7.76
N ALA B 41 -6.72 14.22 7.35
CA ALA B 41 -7.96 13.47 7.53
C ALA B 41 -8.18 12.55 6.35
N ILE B 42 -8.41 11.27 6.62
CA ILE B 42 -8.45 10.23 5.61
C ILE B 42 -9.78 9.51 5.68
N GLY B 43 -10.44 9.33 4.54
CA GLY B 43 -11.64 8.54 4.44
C GLY B 43 -11.38 7.29 3.60
N VAL B 44 -11.98 6.17 4.00
CA VAL B 44 -11.91 4.94 3.24
C VAL B 44 -13.18 4.83 2.39
N LEU B 45 -13.00 4.79 1.08
CA LEU B 45 -14.13 4.70 0.17
C LEU B 45 -14.79 3.33 0.28
N LYS B 46 -16.11 3.27 0.03
CA LYS B 46 -16.94 4.39 -0.39
C LYS B 46 -17.73 5.00 0.78
N GLY B 47 -17.96 4.19 1.81
CA GLY B 47 -19.02 4.48 2.77
C GLY B 47 -18.80 5.71 3.62
N ALA B 48 -17.54 6.09 3.86
CA ALA B 48 -17.23 7.17 4.78
C ALA B 48 -17.44 8.55 4.20
N MET B 49 -17.74 8.66 2.90
CA MET B 49 -17.68 9.97 2.24
CA MET B 49 -17.68 9.98 2.23
C MET B 49 -18.73 10.94 2.76
N PRO B 50 -20.02 10.58 2.83
CA PRO B 50 -20.99 11.58 3.31
C PRO B 50 -20.63 12.11 4.69
N PHE B 51 -20.38 11.22 5.65
CA PHE B 51 -20.04 11.64 7.01
C PHE B 51 -18.78 12.49 7.02
N MET B 52 -17.73 12.04 6.32
CA MET B 52 -16.51 12.81 6.26
C MET B 52 -16.77 14.21 5.72
N ALA B 53 -17.65 14.32 4.73
CA ALA B 53 -17.97 15.63 4.18
C ALA B 53 -18.56 16.54 5.23
N ASP B 54 -19.62 16.07 5.91
CA ASP B 54 -20.32 16.91 6.87
C ASP B 54 -19.48 17.16 8.11
N LEU B 55 -18.67 16.19 8.51
CA LEU B 55 -17.87 16.33 9.73
C LEU B 55 -16.82 17.42 9.56
N LEU B 56 -16.08 17.38 8.45
CA LEU B 56 -14.96 18.29 8.29
C LEU B 56 -15.42 19.73 8.08
N LYS B 57 -16.60 19.94 7.50
CA LYS B 57 -17.09 21.31 7.36
C LYS B 57 -17.76 21.80 8.66
N ARG B 58 -17.75 21.00 9.72
CA ARG B 58 -18.02 21.48 11.07
C ARG B 58 -16.76 21.45 11.94
N THR B 59 -15.61 21.22 11.33
CA THR B 59 -14.32 21.21 12.02
C THR B 59 -13.58 22.48 11.57
N ASP B 60 -13.66 23.53 12.40
CA ASP B 60 -13.12 24.84 12.05
C ASP B 60 -11.65 24.93 12.47
N THR B 61 -10.82 24.24 11.68
CA THR B 61 -9.37 24.33 11.85
C THR B 61 -8.71 23.89 10.55
N TYR B 62 -7.46 24.29 10.39
CA TYR B 62 -6.70 23.94 9.19
C TYR B 62 -6.46 22.43 9.14
N LEU B 63 -6.66 21.84 7.96
CA LEU B 63 -6.51 20.41 7.80
C LEU B 63 -6.41 20.09 6.32
N GLU B 64 -5.91 18.88 6.03
CA GLU B 64 -5.86 18.34 4.68
C GLU B 64 -6.70 17.07 4.63
N MET B 65 -7.28 16.83 3.45
CA MET B 65 -8.06 15.63 3.19
C MET B 65 -7.28 14.68 2.28
N ASP B 66 -7.54 13.39 2.43
CA ASP B 66 -7.04 12.39 1.50
C ASP B 66 -7.98 11.18 1.57
N PHE B 67 -7.75 10.24 0.66
CA PHE B 67 -8.64 9.09 0.55
C PHE B 67 -7.83 7.86 0.16
N MET B 68 -8.35 6.70 0.54
CA MET B 68 -7.75 5.43 0.18
C MET B 68 -8.84 4.49 -0.34
N ALA B 69 -8.46 3.66 -1.30
CA ALA B 69 -9.33 2.61 -1.82
C ALA B 69 -8.64 1.27 -1.60
N VAL B 70 -9.38 0.31 -1.05
CA VAL B 70 -8.86 -1.03 -0.79
C VAL B 70 -9.88 -2.06 -1.23
N SER B 71 -9.40 -3.29 -1.44
CA SER B 71 -10.25 -4.40 -1.81
C SER B 71 -9.77 -5.66 -1.08
N SER B 72 -10.63 -6.67 -1.04
CA SER B 72 -10.36 -7.87 -0.28
C SER B 72 -9.49 -8.83 -1.07
N TYR B 73 -8.67 -9.59 -0.35
CA TYR B 73 -7.87 -10.65 -0.94
C TYR B 73 -8.58 -11.99 -0.95
N GLY B 74 -9.66 -12.14 -0.18
CA GLY B 74 -10.41 -13.38 -0.14
C GLY B 74 -10.47 -13.97 1.25
N HIS B 75 -9.59 -14.93 1.54
CA HIS B 75 -9.54 -15.54 2.86
C HIS B 75 -8.68 -14.75 3.84
N SER B 76 -7.60 -14.13 3.36
CA SER B 76 -6.72 -13.38 4.25
C SER B 76 -7.40 -12.14 4.81
N THR B 77 -8.31 -11.53 4.03
CA THR B 77 -9.00 -10.33 4.50
C THR B 77 -10.01 -10.67 5.60
N VAL B 78 -10.66 -11.83 5.48
CA VAL B 78 -11.68 -12.22 6.45
C VAL B 78 -11.11 -12.58 7.81
N SER B 79 -9.80 -12.73 7.92
CA SER B 79 -9.18 -13.21 9.16
C SER B 79 -8.18 -12.23 9.77
N THR B 80 -7.49 -11.42 8.97
CA THR B 80 -6.47 -10.51 9.49
C THR B 80 -6.64 -9.07 9.05
N GLY B 81 -7.59 -8.77 8.16
CA GLY B 81 -7.79 -7.41 7.72
C GLY B 81 -6.83 -6.94 6.65
N GLU B 82 -5.81 -7.73 6.32
CA GLU B 82 -4.93 -7.38 5.21
C GLU B 82 -5.75 -7.19 3.95
N VAL B 83 -5.55 -6.06 3.28
CA VAL B 83 -6.28 -5.75 2.05
C VAL B 83 -5.30 -5.23 1.01
N LYS B 84 -5.75 -5.27 -0.23
CA LYS B 84 -5.02 -4.74 -1.37
C LYS B 84 -5.26 -3.24 -1.46
N ILE B 85 -4.18 -2.47 -1.55
CA ILE B 85 -4.30 -1.02 -1.66
C ILE B 85 -4.50 -0.70 -3.14
N LEU B 86 -5.67 -0.16 -3.49
CA LEU B 86 -5.95 0.22 -4.86
C LEU B 86 -5.56 1.67 -5.15
N LYS B 87 -5.86 2.58 -4.22
CA LYS B 87 -5.36 3.94 -4.25
C LYS B 87 -4.71 4.24 -2.91
N ASP B 88 -3.41 4.50 -2.92
CA ASP B 88 -2.70 4.93 -1.74
C ASP B 88 -2.88 6.42 -1.51
N LEU B 89 -2.44 6.89 -0.36
CA LEU B 89 -2.52 8.33 -0.08
C LEU B 89 -1.70 9.11 -1.09
N ASP B 90 -2.13 10.35 -1.34
CA ASP B 90 -1.42 11.25 -2.23
C ASP B 90 -0.28 11.98 -1.54
N THR B 91 -0.10 11.80 -0.23
CA THR B 91 1.01 12.40 0.48
C THR B 91 1.55 11.39 1.49
N SER B 92 2.79 11.61 1.92
CA SER B 92 3.45 10.71 2.84
C SER B 92 2.82 10.79 4.23
N VAL B 93 2.90 9.69 4.97
CA VAL B 93 2.37 9.62 6.33
C VAL B 93 3.38 10.03 7.38
N GLU B 94 4.68 9.93 7.08
CA GLU B 94 5.70 10.16 8.09
C GLU B 94 5.54 11.52 8.76
N GLY B 95 5.45 11.50 10.09
CA GLY B 95 5.38 12.72 10.87
C GLY B 95 4.05 13.41 10.90
N ARG B 96 3.03 12.86 10.23
CA ARG B 96 1.72 13.49 10.17
C ARG B 96 0.79 12.95 11.25
N ASP B 97 -0.07 13.82 11.75
CA ASP B 97 -1.16 13.41 12.64
C ASP B 97 -2.33 12.94 11.77
N ILE B 98 -2.58 11.64 11.78
CA ILE B 98 -3.59 11.04 10.92
C ILE B 98 -4.91 10.95 11.66
N LEU B 99 -5.99 11.36 11.01
CA LEU B 99 -7.33 11.16 11.54
C LEU B 99 -8.11 10.36 10.50
N ILE B 100 -8.45 9.13 10.83
CA ILE B 100 -9.23 8.27 9.94
C ILE B 100 -10.70 8.53 10.21
N VAL B 101 -11.44 8.85 9.16
CA VAL B 101 -12.86 9.13 9.24
C VAL B 101 -13.60 7.95 8.63
N GLU B 102 -14.48 7.33 9.41
CA GLU B 102 -15.16 6.10 9.01
C GLU B 102 -16.65 6.26 9.21
N ASP B 103 -17.43 5.54 8.39
CA ASP B 103 -18.88 5.55 8.58
C ASP B 103 -19.30 4.62 9.71
N ILE B 104 -18.68 3.44 9.80
CA ILE B 104 -19.06 2.45 10.80
C ILE B 104 -17.87 1.54 11.05
N ILE B 105 -17.77 1.03 12.29
CA ILE B 105 -16.80 0.00 12.65
C ILE B 105 -17.58 -1.21 13.15
N ASP B 106 -17.41 -2.33 12.46
CA ASP B 106 -18.06 -3.58 12.84
C ASP B 106 -17.01 -4.58 13.29
N SER B 107 -16.36 -5.27 12.34
CA SER B 107 -15.32 -6.22 12.70
C SER B 107 -14.03 -5.52 13.09
N GLY B 108 -13.76 -4.35 12.50
CA GLY B 108 -12.53 -3.63 12.77
C GLY B 108 -11.30 -4.21 12.10
N LEU B 109 -11.41 -5.32 11.38
CA LEU B 109 -10.25 -5.97 10.81
C LEU B 109 -9.51 -5.05 9.85
N THR B 110 -10.20 -4.60 8.80
CA THR B 110 -9.55 -3.75 7.80
C THR B 110 -8.98 -2.49 8.45
N LEU B 111 -9.78 -1.81 9.26
CA LEU B 111 -9.36 -0.53 9.84
C LEU B 111 -8.14 -0.68 10.73
N SER B 112 -8.06 -1.78 11.49
CA SER B 112 -6.87 -1.99 12.31
C SER B 112 -5.64 -2.27 11.46
N TYR B 113 -5.82 -2.91 10.30
CA TYR B 113 -4.70 -3.09 9.38
C TYR B 113 -4.20 -1.73 8.88
N LEU B 114 -5.11 -0.82 8.53
CA LEU B 114 -4.69 0.48 8.04
C LEU B 114 -4.06 1.32 9.17
N VAL B 115 -4.63 1.25 10.38
CA VAL B 115 -4.08 1.99 11.50
C VAL B 115 -2.61 1.65 11.68
N ASP B 116 -2.31 0.36 11.82
CA ASP B 116 -0.93 -0.05 12.04
C ASP B 116 -0.07 0.14 10.80
N LEU B 117 -0.68 0.13 9.62
CA LEU B 117 0.05 0.50 8.40
C LEU B 117 0.56 1.93 8.49
N PHE B 118 -0.32 2.87 8.86
CA PHE B 118 0.09 4.25 9.03
C PHE B 118 1.13 4.38 10.15
N LYS B 119 1.03 3.56 11.19
CA LYS B 119 2.03 3.56 12.24
C LYS B 119 3.36 2.99 11.71
N TYR B 120 3.29 1.96 10.88
CA TYR B 120 4.51 1.48 10.23
C TYR B 120 5.14 2.58 9.39
N ARG B 121 4.32 3.40 8.75
CA ARG B 121 4.80 4.52 7.95
C ARG B 121 5.20 5.72 8.80
N LYS B 122 5.28 5.54 10.12
CA LYS B 122 5.87 6.51 11.04
C LYS B 122 4.97 7.73 11.23
N ALA B 123 3.66 7.51 11.28
CA ALA B 123 2.74 8.58 11.61
C ALA B 123 3.05 9.14 12.99
N LYS B 124 2.87 10.45 13.15
CA LYS B 124 3.04 11.04 14.47
C LYS B 124 1.94 10.57 15.42
N SER B 125 0.73 10.41 14.90
CA SER B 125 -0.37 9.87 15.68
C SER B 125 -1.45 9.39 14.71
N VAL B 126 -2.23 8.42 15.17
CA VAL B 126 -3.32 7.86 14.38
C VAL B 126 -4.54 7.77 15.29
N LYS B 127 -5.55 8.59 15.02
CA LYS B 127 -6.81 8.55 15.73
C LYS B 127 -7.93 8.17 14.76
N ILE B 128 -9.05 7.73 15.32
CA ILE B 128 -10.21 7.33 14.53
C ILE B 128 -11.43 8.10 15.01
N VAL B 129 -12.20 8.61 14.06
CA VAL B 129 -13.54 9.14 14.32
C VAL B 129 -14.50 8.35 13.45
N THR B 130 -15.52 7.75 14.07
CA THR B 130 -16.52 6.98 13.35
C THR B 130 -17.90 7.50 13.72
N LEU B 131 -18.80 7.50 12.74
CA LEU B 131 -20.18 7.91 12.99
C LEU B 131 -20.92 6.84 13.78
N LEU B 132 -20.81 5.59 13.36
CA LEU B 132 -21.46 4.47 14.04
C LEU B 132 -20.42 3.49 14.53
N ASP B 133 -20.71 2.85 15.67
CA ASP B 133 -19.85 1.83 16.24
C ASP B 133 -20.72 0.63 16.60
N LYS B 134 -20.32 -0.55 16.13
CA LYS B 134 -20.99 -1.82 16.45
C LYS B 134 -20.00 -2.74 17.15
N PRO B 135 -19.79 -2.56 18.46
CA PRO B 135 -18.85 -3.44 19.18
C PRO B 135 -19.26 -4.90 19.16
N THR B 136 -20.49 -5.21 18.73
CA THR B 136 -20.95 -6.59 18.67
C THR B 136 -20.02 -7.43 17.78
N GLY B 137 -19.86 -7.02 16.52
CA GLY B 137 -19.16 -7.83 15.55
C GLY B 137 -17.66 -7.67 15.55
N ARG B 138 -17.12 -7.10 16.62
CA ARG B 138 -15.69 -6.80 16.68
C ARG B 138 -14.86 -8.09 16.70
N LYS B 139 -13.92 -8.19 15.76
CA LYS B 139 -13.02 -9.35 15.66
C LYS B 139 -11.58 -9.00 16.02
N VAL B 140 -11.31 -7.77 16.43
CA VAL B 140 -10.01 -7.39 16.97
C VAL B 140 -10.23 -6.29 17.99
N ASP B 141 -9.37 -6.24 19.00
CA ASP B 141 -9.46 -5.18 20.00
C ASP B 141 -9.17 -3.84 19.34
N LEU B 142 -10.23 -3.14 18.91
CA LEU B 142 -10.09 -1.83 18.29
C LEU B 142 -11.24 -0.95 18.76
N LYS B 143 -10.91 0.22 19.33
CA LYS B 143 -11.91 1.18 19.77
C LYS B 143 -11.61 2.53 19.15
N ALA B 144 -12.64 3.21 18.70
CA ALA B 144 -12.48 4.52 18.07
C ALA B 144 -12.21 5.57 19.14
N ASP B 145 -11.46 6.60 18.76
CA ASP B 145 -11.17 7.69 19.69
C ASP B 145 -12.37 8.62 19.82
N TYR B 146 -13.07 8.87 18.71
CA TYR B 146 -14.30 9.65 18.68
C TYR B 146 -15.40 8.79 18.09
N VAL B 147 -16.57 8.78 18.73
CA VAL B 147 -17.69 7.95 18.31
C VAL B 147 -18.94 8.82 18.31
N GLY B 148 -19.66 8.82 17.20
CA GLY B 148 -20.92 9.54 17.11
C GLY B 148 -22.04 8.82 17.82
N PHE B 149 -22.26 7.55 17.45
CA PHE B 149 -23.32 6.74 18.02
C PHE B 149 -22.85 5.29 18.12
N THR B 150 -23.15 4.65 19.24
CA THR B 150 -23.08 3.20 19.35
C THR B 150 -24.45 2.64 18.99
N VAL B 151 -24.47 1.54 18.26
CA VAL B 151 -25.71 1.01 17.69
C VAL B 151 -25.75 -0.49 17.87
N PRO B 152 -26.95 -1.08 17.84
CA PRO B 152 -27.07 -2.54 17.98
C PRO B 152 -26.51 -3.26 16.76
N HIS B 153 -26.42 -4.59 16.89
CA HIS B 153 -25.98 -5.45 15.79
C HIS B 153 -27.16 -5.72 14.89
N GLU B 154 -27.48 -4.73 14.07
CA GLU B 154 -28.56 -4.80 13.10
C GLU B 154 -28.07 -4.11 11.83
N PHE B 155 -28.29 -4.75 10.69
CA PHE B 155 -27.78 -4.21 9.43
C PHE B 155 -28.59 -2.97 9.04
N VAL B 156 -27.93 -1.83 8.93
CA VAL B 156 -28.57 -0.57 8.62
C VAL B 156 -28.14 -0.11 7.23
N VAL B 157 -28.72 1.00 6.76
CA VAL B 157 -28.35 1.57 5.47
C VAL B 157 -28.57 3.09 5.54
N GLY B 158 -28.00 3.79 4.57
CA GLY B 158 -28.16 5.22 4.46
C GLY B 158 -26.90 5.96 4.86
N TYR B 159 -26.82 7.21 4.42
CA TYR B 159 -25.74 8.11 4.79
C TYR B 159 -24.39 7.44 4.61
N GLY B 160 -24.18 6.90 3.41
CA GLY B 160 -22.96 6.26 3.03
C GLY B 160 -23.02 4.75 3.05
N LEU B 161 -23.86 4.17 3.90
CA LEU B 161 -23.96 2.73 4.05
C LEU B 161 -24.96 2.17 3.05
N ASP B 162 -24.54 1.10 2.36
CA ASP B 162 -25.27 0.58 1.21
C ASP B 162 -25.83 -0.80 1.48
N TYR B 163 -26.79 -1.18 0.65
CA TYR B 163 -27.13 -2.59 0.42
C TYR B 163 -26.97 -2.82 -1.08
N LYS B 164 -25.92 -3.55 -1.46
CA LYS B 164 -25.64 -3.83 -2.86
C LYS B 164 -25.55 -2.53 -3.66
N GLU B 165 -24.81 -1.57 -3.09
CA GLU B 165 -24.39 -0.32 -3.71
C GLU B 165 -25.50 0.74 -3.75
N GLN B 166 -26.70 0.43 -3.28
CA GLN B 166 -27.79 1.40 -3.25
C GLN B 166 -28.10 1.82 -1.82
N TYR B 167 -28.80 2.93 -1.68
CA TYR B 167 -29.23 3.56 -0.43
C TYR B 167 -28.13 4.42 0.20
N ARG B 168 -26.95 4.54 -0.40
CA ARG B 168 -25.90 5.36 0.21
C ARG B 168 -26.34 6.82 0.33
N ASN B 169 -27.24 7.26 -0.55
CA ASN B 169 -27.61 8.67 -0.65
C ASN B 169 -28.76 9.06 0.26
N LEU B 170 -29.28 8.15 1.06
CA LEU B 170 -30.27 8.54 2.06
C LEU B 170 -29.64 9.54 3.03
N PRO B 171 -30.38 10.57 3.45
CA PRO B 171 -29.84 11.52 4.44
C PRO B 171 -29.96 11.05 5.87
N TYR B 172 -30.46 9.84 6.11
CA TYR B 172 -30.62 9.28 7.45
C TYR B 172 -30.13 7.84 7.43
N VAL B 173 -30.12 7.22 8.61
CA VAL B 173 -29.75 5.82 8.78
C VAL B 173 -30.97 5.07 9.28
N GLY B 174 -31.26 3.92 8.66
CA GLY B 174 -32.41 3.13 9.02
C GLY B 174 -32.16 1.66 8.73
N VAL B 175 -33.18 0.85 9.00
CA VAL B 175 -33.12 -0.60 8.82
C VAL B 175 -34.07 -0.98 7.71
N LEU B 176 -33.56 -1.73 6.74
CA LEU B 176 -34.37 -2.17 5.62
C LEU B 176 -35.44 -3.15 6.07
N LYS B 177 -36.57 -3.13 5.36
CA LYS B 177 -37.58 -4.16 5.58
C LYS B 177 -37.01 -5.51 5.17
N PRO B 178 -37.29 -6.57 5.93
CA PRO B 178 -36.71 -7.88 5.58
C PRO B 178 -36.98 -8.32 4.16
N SER B 179 -38.11 -7.91 3.58
CA SER B 179 -38.43 -8.30 2.21
C SER B 179 -37.46 -7.71 1.20
N VAL B 180 -36.72 -6.66 1.56
CA VAL B 180 -35.81 -6.03 0.61
C VAL B 180 -34.66 -6.96 0.26
N TYR B 181 -34.25 -7.83 1.19
CA TYR B 181 -33.06 -8.64 0.97
C TYR B 181 -33.32 -9.71 -0.10
N SER B 182 -32.25 -10.13 -0.75
CA SER B 182 -32.33 -11.11 -1.83
C SER B 182 -30.99 -11.81 -2.04
#